data_8VEJ
#
_entry.id   8VEJ
#
_cell.length_a   72.607
_cell.length_b   45.962
_cell.length_c   73.664
_cell.angle_alpha   90.000
_cell.angle_beta   104.050
_cell.angle_gamma   90.000
#
_symmetry.space_group_name_H-M   'P 1 21 1'
#
loop_
_entity.id
_entity.type
_entity.pdbx_description
1 polymer CHD_buttress
2 non-polymer 'CHOLIC ACID'
#
_entity_poly.entity_id   1
_entity_poly.type   'polypeptide(L)'
_entity_poly.pdbx_seq_one_letter_code
;PIPSAEIFEDFLDWYTSGKAGEEIIESTDKRVEAIVEELGGELTEEMKEALAMARAAMAAFEKEGDVFRLASVGATAALM
VWFHLRNIPLAGIARAWLLMLAQLEAGADVDTALAAAAEVLREYGVSEELVAAAAAEARALVESARRRGLTPFELASLAA
LAAARLLFTARNNPLAKIIQAALDLYNRTVDMSTEEAVEAALEAMKELGASEESLERLKELVESARKRGIELTPFEVALL
AYYVLVLDYLKKS
;
_entity_poly.pdbx_strand_id   A,B
#
loop_
_chem_comp.id
_chem_comp.type
_chem_comp.name
_chem_comp.formula
CHD non-polymer 'CHOLIC ACID' 'C24 H40 O5'
#
# COMPACT_ATOMS: atom_id res chain seq x y z
N PRO A 3 20.89 16.17 11.19
CA PRO A 3 20.47 17.07 12.27
C PRO A 3 18.96 17.04 12.51
N SER A 4 18.23 16.38 11.61
CA SER A 4 16.79 16.24 11.80
C SER A 4 16.45 15.37 13.01
N ALA A 5 17.41 14.58 13.50
CA ALA A 5 17.21 13.82 14.73
C ALA A 5 17.10 14.72 15.95
N GLU A 6 17.56 15.97 15.85
CA GLU A 6 17.39 16.92 16.93
C GLU A 6 15.92 17.29 17.12
N ILE A 7 15.21 17.51 16.01
CA ILE A 7 13.81 17.92 16.10
C ILE A 7 12.95 16.77 16.63
N PHE A 8 13.29 15.53 16.29
CA PHE A 8 12.54 14.39 16.81
C PHE A 8 12.80 14.20 18.30
N GLU A 9 14.05 14.37 18.74
CA GLU A 9 14.37 14.22 20.16
C GLU A 9 13.70 15.31 21.00
N ASP A 10 13.57 16.52 20.46
CA ASP A 10 12.94 17.60 21.21
C ASP A 10 11.45 17.36 21.38
N PHE A 11 10.79 16.81 20.35
CA PHE A 11 9.40 16.41 20.50
C PHE A 11 9.27 15.30 21.54
N LEU A 12 10.17 14.32 21.51
CA LEU A 12 10.14 13.23 22.48
C LEU A 12 10.40 13.73 23.90
N ASP A 13 11.10 14.86 24.05
CA ASP A 13 11.28 15.46 25.36
C ASP A 13 9.97 16.06 25.83
N TRP A 14 9.48 15.60 26.98
CA TRP A 14 8.22 16.05 27.55
C TRP A 14 8.50 16.90 28.78
N TYR A 15 8.18 18.19 28.70
CA TYR A 15 8.37 19.14 29.80
C TYR A 15 9.80 19.11 30.33
N GLU A 22 2.72 27.22 27.82
CA GLU A 22 3.51 28.32 27.32
C GLU A 22 4.96 27.90 27.07
N GLU A 23 5.42 26.90 27.83
CA GLU A 23 6.81 26.47 27.73
C GLU A 23 7.10 25.84 26.37
N ILE A 24 6.19 24.99 25.88
CA ILE A 24 6.41 24.33 24.60
C ILE A 24 6.34 25.35 23.46
N ILE A 25 5.43 26.32 23.57
CA ILE A 25 5.29 27.33 22.52
C ILE A 25 6.56 28.18 22.43
N GLU A 26 7.07 28.63 23.59
CA GLU A 26 8.24 29.50 23.58
C GLU A 26 9.50 28.74 23.20
N SER A 27 9.58 27.44 23.52
CA SER A 27 10.71 26.64 23.08
C SER A 27 10.63 26.36 21.57
N THR A 28 9.41 26.11 21.07
CA THR A 28 9.24 25.90 19.63
C THR A 28 9.60 27.15 18.85
N ASP A 29 9.13 28.31 19.31
CA ASP A 29 9.45 29.57 18.64
C ASP A 29 10.95 29.79 18.59
N LYS A 30 11.65 29.43 19.67
CA LYS A 30 13.10 29.56 19.68
C LYS A 30 13.75 28.58 18.72
N ARG A 31 13.21 27.37 18.62
CA ARG A 31 13.79 26.36 17.73
C ARG A 31 13.56 26.71 16.27
N VAL A 32 12.38 27.24 15.95
CA VAL A 32 12.11 27.68 14.58
C VAL A 32 13.01 28.85 14.22
N GLU A 33 13.12 29.82 15.14
CA GLU A 33 14.01 30.95 14.91
C GLU A 33 15.47 30.53 14.87
N ALA A 34 15.82 29.45 15.58
CA ALA A 34 17.19 28.95 15.52
C ALA A 34 17.49 28.34 14.16
N ILE A 35 16.57 27.53 13.62
CA ILE A 35 16.78 26.91 12.31
C ILE A 35 16.85 27.98 11.22
N VAL A 36 16.11 29.09 11.39
CA VAL A 36 16.18 30.17 10.43
C VAL A 36 17.57 30.77 10.40
N GLU A 37 18.12 31.11 11.57
CA GLU A 37 19.46 31.66 11.65
C GLU A 37 20.54 30.60 11.49
N GLU A 38 20.17 29.32 11.40
CA GLU A 38 21.13 28.26 11.12
C GLU A 38 21.18 27.85 9.65
N LEU A 39 20.11 28.09 8.91
CA LEU A 39 20.10 27.86 7.46
C LEU A 39 20.40 29.12 6.66
N GLY A 40 20.36 30.28 7.29
CA GLY A 40 20.78 31.54 6.67
C GLY A 40 19.76 32.28 5.83
N GLY A 41 18.92 31.55 5.10
CA GLY A 41 18.02 32.19 4.16
C GLY A 41 16.93 32.98 4.86
N GLU A 42 16.46 34.03 4.18
CA GLU A 42 15.37 34.84 4.68
C GLU A 42 14.03 34.12 4.46
N LEU A 43 13.08 34.41 5.35
CA LEU A 43 11.78 33.76 5.32
C LEU A 43 10.83 34.49 4.38
N THR A 44 10.04 33.72 3.64
CA THR A 44 9.07 34.26 2.71
C THR A 44 7.70 34.38 3.36
N GLU A 45 6.83 35.19 2.74
CA GLU A 45 5.50 35.43 3.30
C GLU A 45 4.70 34.14 3.42
N GLU A 46 4.87 33.22 2.46
CA GLU A 46 4.19 31.94 2.55
C GLU A 46 4.61 31.18 3.81
N MET A 47 5.93 31.10 4.05
CA MET A 47 6.42 30.40 5.23
C MET A 47 6.16 31.20 6.50
N LYS A 48 6.19 32.54 6.42
CA LYS A 48 5.85 33.37 7.57
C LYS A 48 4.41 33.14 8.01
N GLU A 49 3.50 33.01 7.05
CA GLU A 49 2.09 32.80 7.38
C GLU A 49 1.80 31.36 7.76
N ALA A 50 2.56 30.41 7.21
CA ALA A 50 2.40 29.01 7.64
C ALA A 50 2.86 28.83 9.08
N LEU A 51 3.86 29.61 9.52
CA LEU A 51 4.31 29.53 10.90
C LEU A 51 3.27 30.11 11.85
N ALA A 52 2.60 31.19 11.45
CA ALA A 52 1.54 31.76 12.27
C ALA A 52 0.37 30.80 12.41
N MET A 53 0.07 30.04 11.34
CA MET A 53 -0.98 29.03 11.41
C MET A 53 -0.60 27.93 12.40
N ALA A 54 0.68 27.53 12.40
CA ALA A 54 1.12 26.50 13.32
C ALA A 54 1.15 27.00 14.76
N ARG A 55 1.47 28.28 14.97
CA ARG A 55 1.49 28.82 16.32
C ARG A 55 0.08 29.07 16.85
N ALA A 56 -0.88 29.37 15.97
CA ALA A 56 -2.26 29.46 16.40
C ALA A 56 -2.85 28.08 16.69
N ALA A 57 -2.41 27.06 15.96
CA ALA A 57 -2.91 25.71 16.20
C ALA A 57 -2.40 25.15 17.52
N MET A 58 -1.11 25.32 17.80
CA MET A 58 -0.56 24.86 19.07
C MET A 58 -1.05 25.69 20.25
N ALA A 59 -1.44 26.94 20.02
CA ALA A 59 -2.08 27.72 21.07
C ALA A 59 -3.49 27.25 21.34
N ALA A 60 -4.16 26.70 20.32
CA ALA A 60 -5.50 26.14 20.52
C ALA A 60 -5.43 24.82 21.29
N PHE A 61 -4.39 24.02 21.04
CA PHE A 61 -4.20 22.81 21.82
C PHE A 61 -3.75 23.11 23.24
N GLU A 62 -3.14 24.27 23.48
CA GLU A 62 -2.77 24.67 24.83
C GLU A 62 -4.01 24.89 25.70
N LYS A 63 -4.92 25.76 25.23
CA LYS A 63 -6.09 26.11 26.03
C LYS A 63 -7.01 24.93 26.29
N GLU A 64 -6.95 23.89 25.45
CA GLU A 64 -7.78 22.72 25.62
C GLU A 64 -7.00 21.50 26.11
N GLY A 65 -5.72 21.66 26.42
CA GLY A 65 -4.95 20.63 27.09
C GLY A 65 -4.65 19.38 26.28
N ASP A 66 -4.32 19.54 25.00
CA ASP A 66 -3.93 18.42 24.15
C ASP A 66 -2.42 18.48 23.93
N VAL A 67 -1.67 18.09 24.97
CA VAL A 67 -0.22 18.31 24.99
C VAL A 67 0.49 17.48 23.95
N PHE A 68 -0.08 16.33 23.54
CA PHE A 68 0.55 15.51 22.53
C PHE A 68 0.50 16.17 21.16
N ARG A 69 -0.71 16.55 20.72
CA ARG A 69 -0.85 17.26 19.44
C ARG A 69 -0.11 18.58 19.45
N LEU A 70 -0.04 19.23 20.62
CA LEU A 70 0.67 20.50 20.76
C LEU A 70 2.10 20.41 20.25
N ALA A 71 2.90 19.54 20.88
CA ALA A 71 4.29 19.39 20.46
C ALA A 71 4.41 18.75 19.08
N SER A 72 3.38 18.03 18.63
CA SER A 72 3.39 17.49 17.27
C SER A 72 3.35 18.62 16.24
N VAL A 73 2.56 19.66 16.50
CA VAL A 73 2.51 20.80 15.59
C VAL A 73 3.83 21.57 15.63
N GLY A 74 4.41 21.73 16.81
CA GLY A 74 5.68 22.43 16.90
C GLY A 74 6.80 21.72 16.17
N ALA A 75 6.76 20.39 16.13
CA ALA A 75 7.78 19.64 15.39
C ALA A 75 7.62 19.82 13.89
N THR A 76 6.37 19.91 13.41
CA THR A 76 6.14 20.07 11.99
C THR A 76 6.65 21.42 11.49
N ALA A 77 6.45 22.48 12.27
CA ALA A 77 6.95 23.79 11.87
C ALA A 77 8.47 23.83 11.86
N ALA A 78 9.10 23.17 12.84
CA ALA A 78 10.56 23.15 12.89
C ALA A 78 11.15 22.32 11.76
N LEU A 79 10.52 21.19 11.43
CA LEU A 79 10.98 20.40 10.29
C LEU A 79 10.68 21.10 8.97
N MET A 80 9.58 21.86 8.93
CA MET A 80 9.20 22.58 7.70
C MET A 80 10.27 23.59 7.32
N VAL A 81 10.79 24.34 8.29
CA VAL A 81 11.81 25.33 7.97
C VAL A 81 13.16 24.67 7.73
N TRP A 82 13.39 23.50 8.31
CA TRP A 82 14.67 22.81 8.09
C TRP A 82 14.79 22.32 6.64
N PHE A 83 13.68 21.87 6.06
CA PHE A 83 13.65 21.40 4.68
C PHE A 83 13.27 22.50 3.69
N HIS A 84 13.40 23.76 4.09
CA HIS A 84 13.08 24.88 3.21
C HIS A 84 13.85 24.80 1.89
N LEU A 85 15.15 24.51 1.98
CA LEU A 85 16.02 24.48 0.83
C LEU A 85 16.64 23.12 0.56
N ARG A 86 16.86 22.30 1.60
CA ARG A 86 17.51 21.01 1.41
C ARG A 86 16.61 20.05 0.65
N ASN A 87 15.38 19.84 1.13
CA ASN A 87 14.41 18.95 0.50
C ASN A 87 13.12 19.73 0.35
N ILE A 88 12.95 20.37 -0.81
CA ILE A 88 11.80 21.24 -1.03
C ILE A 88 10.47 20.50 -0.98
N PRO A 89 10.30 19.33 -1.64
CA PRO A 89 8.99 18.66 -1.56
C PRO A 89 8.60 18.22 -0.15
N LEU A 90 9.58 17.94 0.73
CA LEU A 90 9.24 17.57 2.10
C LEU A 90 8.62 18.75 2.85
N ALA A 91 9.09 19.96 2.59
CA ALA A 91 8.46 21.14 3.17
C ALA A 91 7.01 21.26 2.74
N GLY A 92 6.69 20.80 1.53
CA GLY A 92 5.30 20.75 1.12
C GLY A 92 4.49 19.77 1.94
N ILE A 93 5.10 18.63 2.30
CA ILE A 93 4.42 17.66 3.15
C ILE A 93 4.10 18.25 4.51
N ALA A 94 5.02 19.05 5.05
CA ALA A 94 4.80 19.64 6.38
C ALA A 94 3.76 20.73 6.34
N ARG A 95 3.81 21.61 5.33
CA ARG A 95 2.89 22.74 5.28
C ARG A 95 1.52 22.36 4.72
N ALA A 96 1.44 21.34 3.87
CA ALA A 96 0.13 20.82 3.48
C ALA A 96 -0.57 20.17 4.68
N TRP A 97 0.20 19.55 5.57
CA TRP A 97 -0.36 19.08 6.84
C TRP A 97 -0.90 20.24 7.65
N LEU A 98 -0.20 21.37 7.67
CA LEU A 98 -0.66 22.53 8.41
C LEU A 98 -1.90 23.14 7.77
N LEU A 99 -1.96 23.15 6.43
CA LEU A 99 -3.12 23.71 5.76
C LEU A 99 -4.34 22.81 5.91
N MET A 100 -4.15 21.50 5.80
CA MET A 100 -5.26 20.57 6.02
C MET A 100 -5.81 20.72 7.43
N LEU A 101 -4.93 20.90 8.42
CA LEU A 101 -5.37 21.05 9.80
C LEU A 101 -6.22 22.30 9.97
N ALA A 102 -5.77 23.43 9.45
CA ALA A 102 -6.49 24.68 9.62
C ALA A 102 -7.80 24.68 8.85
N GLN A 103 -7.80 24.12 7.64
CA GLN A 103 -9.04 24.07 6.85
C GLN A 103 -10.06 23.13 7.49
N LEU A 104 -9.61 21.98 7.97
CA LEU A 104 -10.52 21.05 8.66
C LEU A 104 -11.06 21.66 9.94
N GLU A 105 -10.26 22.48 10.63
CA GLU A 105 -10.75 23.19 11.80
C GLU A 105 -11.73 24.30 11.46
N ALA A 106 -11.82 24.69 10.19
CA ALA A 106 -12.78 25.68 9.72
C ALA A 106 -14.05 25.04 9.17
N GLY A 107 -14.25 23.74 9.40
CA GLY A 107 -15.45 23.08 8.94
C GLY A 107 -15.42 22.63 7.50
N ALA A 108 -14.28 22.12 7.04
CA ALA A 108 -14.13 21.71 5.65
C ALA A 108 -14.52 20.24 5.48
N ASP A 109 -14.94 19.90 4.26
CA ASP A 109 -15.11 18.51 3.90
C ASP A 109 -13.76 17.93 3.47
N VAL A 110 -13.70 16.60 3.40
CA VAL A 110 -12.43 15.92 3.14
C VAL A 110 -11.94 16.23 1.73
N ASP A 111 -12.83 16.21 0.75
CA ASP A 111 -12.41 16.45 -0.64
C ASP A 111 -11.87 17.86 -0.81
N THR A 112 -12.46 18.84 -0.12
CA THR A 112 -11.97 20.21 -0.23
C THR A 112 -10.59 20.35 0.40
N ALA A 113 -10.40 19.77 1.58
CA ALA A 113 -9.08 19.83 2.23
C ALA A 113 -8.04 19.04 1.46
N LEU A 114 -8.43 17.96 0.79
CA LEU A 114 -7.49 17.19 0.01
C LEU A 114 -7.11 17.90 -1.28
N ALA A 115 -8.09 18.56 -1.92
CA ALA A 115 -7.80 19.28 -3.16
C ALA A 115 -6.87 20.46 -2.91
N ALA A 116 -7.13 21.22 -1.85
CA ALA A 116 -6.23 22.32 -1.49
C ALA A 116 -4.85 21.79 -1.07
N ALA A 117 -4.80 20.57 -0.53
CA ALA A 117 -3.51 19.97 -0.18
C ALA A 117 -2.74 19.59 -1.44
N ALA A 118 -3.44 19.13 -2.47
CA ALA A 118 -2.78 18.77 -3.73
C ALA A 118 -2.15 19.99 -4.38
N GLU A 119 -2.80 21.16 -4.25
CA GLU A 119 -2.22 22.40 -4.76
C GLU A 119 -0.84 22.65 -4.16
N VAL A 120 -0.75 22.56 -2.83
CA VAL A 120 0.51 22.85 -2.15
C VAL A 120 1.58 21.84 -2.53
N LEU A 121 1.21 20.56 -2.67
CA LEU A 121 2.18 19.55 -3.04
C LEU A 121 2.72 19.78 -4.45
N ARG A 122 1.84 20.13 -5.40
CA ARG A 122 2.30 20.42 -6.75
C ARG A 122 3.25 21.61 -6.77
N GLU A 123 2.94 22.65 -5.98
CA GLU A 123 3.74 23.87 -6.00
C GLU A 123 5.15 23.65 -5.49
N TYR A 124 5.34 22.71 -4.56
CA TYR A 124 6.64 22.43 -3.98
C TYR A 124 7.36 21.28 -4.68
N GLY A 125 7.04 21.02 -5.95
CA GLY A 125 7.80 20.06 -6.74
C GLY A 125 7.52 18.61 -6.44
N VAL A 126 6.24 18.23 -6.39
CA VAL A 126 5.83 16.83 -6.29
C VAL A 126 5.12 16.47 -7.59
N SER A 127 5.57 15.40 -8.23
CA SER A 127 5.02 15.00 -9.51
C SER A 127 3.52 14.74 -9.41
N GLU A 128 2.81 15.04 -10.49
CA GLU A 128 1.36 14.87 -10.51
C GLU A 128 0.97 13.41 -10.35
N GLU A 129 1.84 12.49 -10.80
CA GLU A 129 1.55 11.07 -10.63
C GLU A 129 1.54 10.68 -9.15
N LEU A 130 2.47 11.25 -8.37
CA LEU A 130 2.47 10.98 -6.93
C LEU A 130 1.41 11.80 -6.20
N VAL A 131 1.08 12.99 -6.70
CA VAL A 131 0.03 13.80 -6.08
C VAL A 131 -1.31 13.10 -6.20
N ALA A 132 -1.62 12.59 -7.40
CA ALA A 132 -2.87 11.86 -7.59
C ALA A 132 -2.84 10.53 -6.84
N ALA A 133 -1.70 9.85 -6.84
CA ALA A 133 -1.58 8.58 -6.13
C ALA A 133 -1.69 8.77 -4.62
N ALA A 134 -1.12 9.86 -4.10
CA ALA A 134 -1.27 10.16 -2.68
C ALA A 134 -2.70 10.60 -2.36
N ALA A 135 -3.37 11.27 -3.30
CA ALA A 135 -4.76 11.65 -3.08
C ALA A 135 -5.71 10.45 -3.15
N ALA A 136 -5.27 9.35 -3.76
CA ALA A 136 -6.11 8.14 -3.82
C ALA A 136 -5.97 7.30 -2.55
N GLU A 137 -4.74 7.15 -2.06
CA GLU A 137 -4.54 6.38 -0.83
C GLU A 137 -5.02 7.13 0.39
N ALA A 138 -4.98 8.47 0.36
CA ALA A 138 -5.43 9.25 1.49
C ALA A 138 -6.95 9.22 1.62
N ARG A 139 -7.67 9.27 0.49
CA ARG A 139 -9.12 9.24 0.53
C ARG A 139 -9.64 7.94 1.12
N ALA A 140 -8.95 6.84 0.86
CA ALA A 140 -9.39 5.55 1.39
C ALA A 140 -9.13 5.43 2.88
N LEU A 141 -7.96 5.90 3.34
CA LEU A 141 -7.63 5.82 4.76
C LEU A 141 -8.51 6.75 5.60
N VAL A 142 -8.84 7.92 5.06
CA VAL A 142 -9.64 8.89 5.80
C VAL A 142 -11.06 8.34 6.02
N GLU A 143 -11.70 7.89 4.94
CA GLU A 143 -13.00 7.24 5.07
C GLU A 143 -12.84 5.85 5.68
N SER A 144 -12.82 5.79 7.01
CA SER A 144 -12.61 4.52 7.70
C SER A 144 -13.94 3.84 8.05
N LEU A 150 -13.89 11.22 14.04
CA LEU A 150 -12.52 11.45 13.58
C LEU A 150 -12.13 12.92 13.75
N THR A 151 -11.04 13.17 14.46
CA THR A 151 -10.58 14.53 14.66
C THR A 151 -9.81 15.02 13.45
N PRO A 152 -9.84 16.33 13.18
CA PRO A 152 -9.04 16.88 12.08
C PRO A 152 -7.56 16.58 12.21
N PHE A 153 -7.03 16.52 13.43
CA PHE A 153 -5.64 16.15 13.64
C PHE A 153 -5.34 14.79 13.03
N GLU A 154 -6.23 13.82 13.28
CA GLU A 154 -6.02 12.48 12.75
C GLU A 154 -6.18 12.44 11.24
N LEU A 155 -7.05 13.28 10.69
CA LEU A 155 -7.26 13.29 9.24
C LEU A 155 -6.07 13.89 8.52
N ALA A 156 -5.55 15.02 9.01
CA ALA A 156 -4.41 15.66 8.36
C ALA A 156 -3.16 14.80 8.47
N SER A 157 -2.96 14.17 9.62
CA SER A 157 -1.75 13.37 9.81
C SER A 157 -1.81 12.06 9.06
N LEU A 158 -2.98 11.41 9.06
CA LEU A 158 -3.10 10.12 8.36
C LEU A 158 -2.96 10.30 6.85
N ALA A 159 -3.53 11.38 6.30
CA ALA A 159 -3.44 11.62 4.86
C ALA A 159 -2.03 12.03 4.47
N ALA A 160 -1.39 12.89 5.27
CA ALA A 160 -0.04 13.34 4.94
C ALA A 160 0.99 12.22 5.10
N LEU A 161 0.71 11.25 5.97
CA LEU A 161 1.60 10.10 6.10
C LEU A 161 1.59 9.25 4.83
N ALA A 162 0.42 9.09 4.22
CA ALA A 162 0.33 8.33 2.97
C ALA A 162 1.09 9.03 1.85
N ALA A 163 1.11 10.36 1.86
CA ALA A 163 1.85 11.09 0.83
C ALA A 163 3.36 10.98 1.04
N ALA A 164 3.80 10.97 2.30
CA ALA A 164 5.23 10.86 2.58
C ALA A 164 5.79 9.49 2.21
N ARG A 165 4.94 8.46 2.22
CA ARG A 165 5.41 7.12 1.86
C ARG A 165 5.74 7.03 0.38
N LEU A 166 4.92 7.65 -0.47
CA LEU A 166 5.11 7.55 -1.91
C LEU A 166 6.18 8.52 -2.40
N LEU A 167 6.32 9.68 -1.76
CA LEU A 167 7.42 10.58 -2.07
C LEU A 167 8.77 9.98 -1.69
N PHE A 168 8.78 9.02 -0.76
CA PHE A 168 10.02 8.40 -0.33
C PHE A 168 10.50 7.31 -1.27
N THR A 169 9.93 7.23 -2.47
CA THR A 169 10.59 6.52 -3.56
C THR A 169 11.99 7.11 -3.75
N ALA A 170 12.95 6.23 -4.02
CA ALA A 170 14.37 6.57 -4.08
C ALA A 170 14.89 6.98 -2.71
N ARG A 171 14.87 8.28 -2.40
CA ARG A 171 15.50 8.76 -1.16
C ARG A 171 14.81 8.16 0.06
N ASN A 172 15.61 7.70 1.01
CA ASN A 172 15.15 7.04 2.23
C ASN A 172 14.08 5.98 1.93
N ASN A 173 14.44 5.03 1.08
CA ASN A 173 13.45 4.00 0.83
C ASN A 173 13.26 3.01 1.98
N PRO A 174 14.15 2.93 2.98
CA PRO A 174 13.75 2.21 4.21
C PRO A 174 12.70 2.97 4.99
N LEU A 175 12.74 4.30 4.97
CA LEU A 175 11.79 5.09 5.76
C LEU A 175 10.36 4.87 5.30
N ALA A 176 10.17 4.46 4.04
CA ALA A 176 8.83 4.12 3.56
C ALA A 176 8.27 2.91 4.30
N LYS A 177 9.14 1.93 4.63
CA LYS A 177 8.70 0.77 5.40
C LYS A 177 8.17 1.21 6.76
N ILE A 178 8.85 2.16 7.40
CA ILE A 178 8.40 2.64 8.71
C ILE A 178 7.04 3.32 8.59
N ILE A 179 6.81 4.02 7.47
CA ILE A 179 5.50 4.62 7.23
C ILE A 179 4.49 3.54 6.87
N GLN A 180 4.93 2.54 6.10
CA GLN A 180 4.03 1.44 5.71
C GLN A 180 3.51 0.69 6.92
N ALA A 181 4.39 0.37 7.87
CA ALA A 181 3.98 -0.40 9.03
C ALA A 181 3.02 0.37 9.92
N ALA A 182 3.30 1.66 10.14
CA ALA A 182 2.42 2.47 10.99
C ALA A 182 1.04 2.64 10.37
N LEU A 183 0.95 2.68 9.04
CA LEU A 183 -0.35 2.73 8.39
C LEU A 183 -1.08 1.40 8.53
N ASP A 184 -0.38 0.28 8.33
CA ASP A 184 -0.98 -1.02 8.57
C ASP A 184 -1.31 -1.22 10.04
N LEU A 185 -0.47 -0.68 10.92
CA LEU A 185 -0.76 -0.77 12.36
C LEU A 185 -2.01 0.02 12.72
N TYR A 186 -2.18 1.20 12.12
CA TYR A 186 -3.36 2.01 12.41
C TYR A 186 -4.63 1.32 11.97
N ASN A 187 -4.59 0.64 10.82
CA ASN A 187 -5.79 -0.02 10.32
C ASN A 187 -6.12 -1.28 11.11
N ARG A 188 -5.12 -1.95 11.68
CA ARG A 188 -5.36 -3.18 12.43
C ARG A 188 -5.60 -2.93 13.91
N THR A 189 -5.26 -1.75 14.43
CA THR A 189 -5.52 -1.41 15.82
C THR A 189 -6.73 -0.48 15.98
N VAL A 190 -7.53 -0.30 14.93
CA VAL A 190 -8.72 0.53 15.05
C VAL A 190 -9.77 -0.16 15.92
N ASP A 191 -9.81 -1.49 15.89
CA ASP A 191 -10.74 -2.24 16.73
C ASP A 191 -10.10 -2.76 18.01
N MET A 192 -8.77 -2.90 18.05
CA MET A 192 -8.09 -3.34 19.24
C MET A 192 -8.26 -2.32 20.36
N SER A 193 -8.03 -2.77 21.59
CA SER A 193 -8.16 -1.91 22.75
C SER A 193 -6.89 -1.06 22.90
N THR A 194 -6.72 -0.44 24.06
CA THR A 194 -5.53 0.37 24.31
C THR A 194 -4.30 -0.51 24.52
N GLU A 195 -4.34 -1.35 25.56
CA GLU A 195 -3.21 -2.23 25.84
C GLU A 195 -2.97 -3.21 24.71
N GLU A 196 -4.02 -3.65 24.02
CA GLU A 196 -3.86 -4.53 22.88
C GLU A 196 -3.14 -3.83 21.73
N ALA A 197 -3.33 -2.52 21.59
CA ALA A 197 -2.63 -1.76 20.56
C ALA A 197 -1.16 -1.53 20.94
N VAL A 198 -0.87 -1.43 22.23
CA VAL A 198 0.52 -1.30 22.65
C VAL A 198 1.27 -2.60 22.41
N GLU A 199 0.59 -3.74 22.59
CA GLU A 199 1.19 -5.02 22.25
C GLU A 199 1.47 -5.11 20.76
N ALA A 200 0.49 -4.70 19.93
CA ALA A 200 0.66 -4.77 18.49
C ALA A 200 1.78 -3.83 18.02
N ALA A 201 1.85 -2.63 18.60
CA ALA A 201 2.94 -1.72 18.25
C ALA A 201 4.28 -2.31 18.65
N LEU A 202 4.34 -3.00 19.79
CA LEU A 202 5.56 -3.70 20.17
C LEU A 202 5.86 -4.82 19.19
N GLU A 203 4.86 -5.60 18.82
CA GLU A 203 5.05 -6.73 17.91
C GLU A 203 5.54 -6.26 16.54
N ALA A 204 5.00 -5.14 16.05
CA ALA A 204 5.47 -4.60 14.78
C ALA A 204 6.89 -4.07 14.89
N MET A 205 7.22 -3.43 16.02
CA MET A 205 8.59 -3.01 16.26
C MET A 205 9.55 -4.19 16.30
N LYS A 206 9.08 -5.34 16.77
CA LYS A 206 9.92 -6.54 16.79
C LYS A 206 10.08 -7.10 15.38
N GLU A 207 9.00 -7.07 14.58
CA GLU A 207 9.06 -7.56 13.22
C GLU A 207 10.12 -6.81 12.41
N LEU A 208 10.20 -5.49 12.58
CA LEU A 208 11.21 -4.70 11.92
C LEU A 208 12.54 -4.69 12.67
N GLY A 209 12.56 -5.15 13.92
CA GLY A 209 13.78 -5.15 14.71
C GLY A 209 14.15 -3.76 15.18
N ALA A 210 15.02 -3.08 14.42
CA ALA A 210 15.38 -1.69 14.66
C ALA A 210 15.97 -1.48 16.05
N SER A 211 16.79 -2.45 16.49
CA SER A 211 17.54 -2.39 17.75
C SER A 211 16.62 -2.32 18.96
N GLU A 212 17.20 -2.45 20.16
CA GLU A 212 16.45 -2.35 21.39
C GLU A 212 16.46 -0.87 21.80
N GLU A 213 16.25 -0.55 23.08
CA GLU A 213 16.15 0.82 23.57
C GLU A 213 14.97 1.55 22.94
N SER A 214 14.78 1.38 21.63
CA SER A 214 13.57 1.88 20.99
C SER A 214 12.33 1.23 21.60
N LEU A 215 12.36 -0.09 21.78
CA LEU A 215 11.22 -0.79 22.36
C LEU A 215 10.91 -0.32 23.78
N GLU A 216 11.89 0.25 24.48
CA GLU A 216 11.63 0.82 25.79
C GLU A 216 11.19 2.28 25.70
N ARG A 217 11.80 3.06 24.79
CA ARG A 217 11.40 4.44 24.60
C ARG A 217 9.90 4.58 24.37
N LEU A 218 9.29 3.58 23.71
CA LEU A 218 7.84 3.57 23.57
C LEU A 218 7.15 3.43 24.92
N LYS A 219 7.54 2.41 25.70
CA LYS A 219 6.95 2.22 27.02
C LYS A 219 7.12 3.45 27.88
N GLU A 220 8.24 4.15 27.74
CA GLU A 220 8.48 5.36 28.51
C GLU A 220 7.46 6.43 28.15
N LEU A 221 7.29 6.69 26.86
CA LEU A 221 6.39 7.76 26.42
C LEU A 221 4.94 7.40 26.70
N VAL A 222 4.57 6.13 26.54
CA VAL A 222 3.20 5.70 26.81
C VAL A 222 2.88 5.82 28.29
N GLU A 223 3.72 5.21 29.15
CA GLU A 223 3.49 5.30 30.58
C GLU A 223 3.61 6.73 31.09
N SER A 224 4.45 7.55 30.45
CA SER A 224 4.51 8.96 30.82
C SER A 224 3.20 9.67 30.51
N ALA A 225 2.52 9.27 29.44
CA ALA A 225 1.21 9.83 29.13
C ALA A 225 0.10 9.22 29.96
N ARG A 226 0.30 8.02 30.51
CA ARG A 226 -0.73 7.36 31.31
C ARG A 226 -0.65 7.72 32.78
N LYS A 227 0.54 8.02 33.31
CA LYS A 227 0.66 8.40 34.71
C LYS A 227 0.03 9.77 34.96
N ARG A 228 0.31 10.74 34.08
CA ARG A 228 -0.22 12.09 34.21
C ARG A 228 -1.08 12.40 32.99
N GLY A 229 -2.26 12.97 33.23
CA GLY A 229 -3.18 13.28 32.16
C GLY A 229 -4.09 12.13 31.80
N ILE A 230 -4.81 12.33 30.70
CA ILE A 230 -5.74 11.32 30.19
C ILE A 230 -4.98 10.37 29.27
N GLU A 231 -5.49 9.15 29.15
CA GLU A 231 -4.92 8.16 28.26
C GLU A 231 -5.27 8.50 26.81
N LEU A 232 -4.36 8.19 25.90
CA LEU A 232 -4.44 8.64 24.52
C LEU A 232 -5.05 7.58 23.60
N THR A 233 -5.37 8.00 22.38
CA THR A 233 -6.10 7.20 21.42
C THR A 233 -5.22 6.12 20.81
N PRO A 234 -5.83 5.05 20.29
CA PRO A 234 -5.02 4.02 19.59
C PRO A 234 -4.30 4.56 18.38
N PHE A 235 -4.81 5.62 17.74
CA PHE A 235 -4.06 6.28 16.68
C PHE A 235 -2.77 6.89 17.21
N GLU A 236 -2.85 7.50 18.40
CA GLU A 236 -1.70 8.20 18.95
C GLU A 236 -0.64 7.24 19.47
N VAL A 237 -0.99 5.99 19.75
CA VAL A 237 0.01 4.97 20.07
C VAL A 237 0.91 4.73 18.87
N ALA A 238 0.29 4.45 17.71
CA ALA A 238 1.08 4.24 16.50
C ALA A 238 1.87 5.48 16.13
N LEU A 239 1.30 6.66 16.37
CA LEU A 239 2.05 7.90 16.14
C LEU A 239 3.26 7.99 17.04
N LEU A 240 3.14 7.50 18.28
CA LEU A 240 4.29 7.47 19.18
C LEU A 240 5.33 6.45 18.72
N ALA A 241 4.89 5.27 18.32
CA ALA A 241 5.82 4.24 17.85
C ALA A 241 6.56 4.69 16.61
N TYR A 242 5.93 5.51 15.77
CA TYR A 242 6.60 6.04 14.58
C TYR A 242 7.80 6.89 14.96
N TYR A 243 7.62 7.84 15.88
CA TYR A 243 8.71 8.74 16.25
C TYR A 243 9.85 8.01 16.90
N VAL A 244 9.58 6.89 17.57
CA VAL A 244 10.65 6.10 18.19
C VAL A 244 11.45 5.37 17.12
N LEU A 245 10.76 4.74 16.16
CA LEU A 245 11.45 4.00 15.12
C LEU A 245 12.25 4.93 14.22
N VAL A 246 11.69 6.09 13.88
CA VAL A 246 12.39 7.03 13.01
C VAL A 246 13.67 7.53 13.67
N LEU A 247 13.57 7.91 14.95
CA LEU A 247 14.76 8.35 15.68
C LEU A 247 15.80 7.24 15.76
N ASP A 248 15.35 5.98 15.87
CA ASP A 248 16.29 4.87 15.84
C ASP A 248 17.00 4.77 14.49
N TYR A 249 16.23 4.91 13.40
CA TYR A 249 16.83 4.82 12.07
C TYR A 249 17.78 5.97 11.80
N LEU A 250 17.46 7.16 12.31
CA LEU A 250 18.32 8.32 12.07
C LEU A 250 19.66 8.17 12.80
N LYS A 251 19.62 7.74 14.06
CA LYS A 251 20.86 7.54 14.80
C LYS A 251 21.65 6.35 14.24
N LYS A 252 20.96 5.37 13.65
CA LYS A 252 21.66 4.23 13.06
C LYS A 252 22.52 4.66 11.88
N SER A 253 22.04 5.64 11.10
CA SER A 253 22.78 6.10 9.93
C SER A 253 24.02 6.90 10.34
N PRO B 3 -20.36 -18.97 -8.29
CA PRO B 3 -20.30 -18.13 -9.48
C PRO B 3 -18.87 -18.04 -10.02
N SER B 4 -18.18 -16.97 -9.65
CA SER B 4 -16.76 -16.86 -9.96
C SER B 4 -15.95 -17.97 -9.31
N ALA B 5 -16.48 -18.59 -8.25
CA ALA B 5 -15.81 -19.73 -7.62
C ALA B 5 -15.66 -20.90 -8.57
N GLU B 6 -16.45 -20.95 -9.65
CA GLU B 6 -16.28 -21.99 -10.64
C GLU B 6 -14.96 -21.82 -11.39
N ILE B 7 -14.66 -20.60 -11.83
CA ILE B 7 -13.46 -20.37 -12.61
C ILE B 7 -12.20 -20.63 -11.80
N PHE B 8 -12.17 -20.17 -10.54
CA PHE B 8 -11.04 -20.46 -9.66
C PHE B 8 -10.85 -21.97 -9.52
N GLU B 9 -11.94 -22.72 -9.43
CA GLU B 9 -11.85 -24.16 -9.24
C GLU B 9 -11.33 -24.86 -10.49
N ASP B 10 -11.65 -24.33 -11.68
CA ASP B 10 -11.14 -24.92 -12.92
C ASP B 10 -9.62 -24.90 -12.95
N PHE B 11 -9.03 -23.73 -12.67
CA PHE B 11 -7.58 -23.66 -12.56
C PHE B 11 -7.06 -24.53 -11.43
N LEU B 12 -7.83 -24.62 -10.33
CA LEU B 12 -7.39 -25.39 -9.17
C LEU B 12 -7.40 -26.89 -9.45
N ASP B 13 -8.25 -27.34 -10.38
CA ASP B 13 -8.16 -28.71 -10.85
C ASP B 13 -6.76 -28.96 -11.37
N TRP B 14 -6.16 -30.09 -10.98
CA TRP B 14 -4.72 -30.29 -11.12
C TRP B 14 -4.26 -30.03 -12.56
N TYR B 15 -3.22 -29.22 -12.68
CA TYR B 15 -2.71 -28.80 -13.98
C TYR B 15 -1.69 -29.79 -14.54
N GLY B 21 -0.88 -29.82 -22.21
CA GLY B 21 -0.80 -28.66 -23.07
C GLY B 21 -2.06 -28.43 -23.88
N GLU B 22 -2.36 -29.38 -24.78
CA GLU B 22 -3.55 -29.26 -25.62
C GLU B 22 -4.82 -29.31 -24.79
N GLU B 23 -4.84 -30.15 -23.75
CA GLU B 23 -6.07 -30.39 -23.01
C GLU B 23 -6.56 -29.15 -22.29
N ILE B 24 -5.64 -28.38 -21.70
CA ILE B 24 -6.04 -27.15 -21.01
C ILE B 24 -6.50 -26.10 -22.01
N ILE B 25 -5.90 -26.07 -23.21
CA ILE B 25 -6.21 -25.03 -24.17
C ILE B 25 -7.60 -25.25 -24.78
N GLU B 26 -7.88 -26.47 -25.24
CA GLU B 26 -9.18 -26.74 -25.85
C GLU B 26 -10.29 -26.66 -24.82
N SER B 27 -10.00 -26.97 -23.55
CA SER B 27 -10.99 -26.77 -22.50
C SER B 27 -11.20 -25.29 -22.22
N THR B 28 -10.12 -24.51 -22.18
CA THR B 28 -10.24 -23.07 -21.97
C THR B 28 -11.04 -22.41 -23.08
N ASP B 29 -10.80 -22.82 -24.33
CA ASP B 29 -11.55 -22.27 -25.46
C ASP B 29 -13.03 -22.62 -25.34
N LYS B 30 -13.34 -23.83 -24.88
CA LYS B 30 -14.74 -24.20 -24.69
C LYS B 30 -15.37 -23.42 -23.55
N ARG B 31 -14.61 -23.19 -22.47
CA ARG B 31 -15.13 -22.41 -21.36
C ARG B 31 -15.38 -20.96 -21.76
N VAL B 32 -14.47 -20.37 -22.51
CA VAL B 32 -14.64 -18.98 -22.96
C VAL B 32 -15.83 -18.88 -23.90
N GLU B 33 -15.94 -19.81 -24.85
CA GLU B 33 -17.08 -19.82 -25.75
C GLU B 33 -18.38 -20.13 -25.01
N ALA B 34 -18.30 -20.87 -23.91
CA ALA B 34 -19.48 -21.12 -23.09
C ALA B 34 -19.95 -19.84 -22.42
N ILE B 35 -19.02 -19.09 -21.80
CA ILE B 35 -19.39 -17.89 -21.07
C ILE B 35 -19.97 -16.84 -22.01
N VAL B 36 -19.48 -16.77 -23.25
CA VAL B 36 -20.06 -15.87 -24.23
C VAL B 36 -21.54 -16.21 -24.47
N GLU B 37 -21.82 -17.48 -24.70
CA GLU B 37 -23.20 -17.93 -24.87
C GLU B 37 -23.98 -17.88 -23.57
N GLU B 38 -23.30 -17.87 -22.42
CA GLU B 38 -23.96 -17.83 -21.13
C GLU B 38 -24.26 -16.41 -20.65
N LEU B 39 -23.53 -15.41 -21.13
CA LEU B 39 -23.81 -14.02 -20.78
C LEU B 39 -24.65 -13.30 -21.83
N GLY B 40 -24.66 -13.79 -23.07
CA GLY B 40 -25.52 -13.23 -24.09
C GLY B 40 -24.85 -12.22 -25.01
N GLY B 41 -24.35 -11.13 -24.43
CA GLY B 41 -23.79 -10.04 -25.19
C GLY B 41 -22.74 -10.44 -26.22
N GLU B 42 -22.78 -9.81 -27.39
CA GLU B 42 -21.80 -10.09 -28.43
C GLU B 42 -20.45 -9.49 -28.06
N LEU B 43 -19.38 -10.18 -28.45
CA LEU B 43 -18.03 -9.85 -28.02
C LEU B 43 -17.41 -8.82 -28.94
N THR B 44 -16.61 -7.94 -28.36
CA THR B 44 -15.98 -6.85 -29.10
C THR B 44 -14.64 -7.29 -29.68
N GLU B 45 -14.17 -6.52 -30.68
CA GLU B 45 -12.86 -6.78 -31.24
C GLU B 45 -11.75 -6.54 -30.23
N GLU B 46 -11.97 -5.62 -29.29
CA GLU B 46 -11.05 -5.46 -28.16
C GLU B 46 -10.87 -6.78 -27.43
N MET B 47 -11.97 -7.49 -27.18
CA MET B 47 -11.93 -8.75 -26.46
C MET B 47 -11.51 -9.91 -27.35
N LYS B 48 -11.88 -9.86 -28.64
CA LYS B 48 -11.44 -10.89 -29.57
C LYS B 48 -9.92 -10.92 -29.68
N GLU B 49 -9.30 -9.75 -29.77
CA GLU B 49 -7.85 -9.68 -29.91
C GLU B 49 -7.15 -10.05 -28.60
N ALA B 50 -7.75 -9.69 -27.46
CA ALA B 50 -7.17 -10.06 -26.17
C ALA B 50 -7.23 -11.57 -25.95
N LEU B 51 -8.22 -12.25 -26.55
CA LEU B 51 -8.30 -13.70 -26.42
C LEU B 51 -7.25 -14.39 -27.28
N ALA B 52 -6.95 -13.83 -28.45
CA ALA B 52 -5.89 -14.38 -29.29
C ALA B 52 -4.53 -14.21 -28.63
N MET B 53 -4.35 -13.15 -27.83
CA MET B 53 -3.12 -13.00 -27.06
C MET B 53 -2.95 -14.14 -26.08
N ALA B 54 -4.03 -14.51 -25.38
CA ALA B 54 -3.95 -15.57 -24.37
C ALA B 54 -3.77 -16.94 -25.02
N ARG B 55 -4.47 -17.20 -26.12
CA ARG B 55 -4.32 -18.48 -26.81
C ARG B 55 -2.90 -18.65 -27.34
N ALA B 56 -2.32 -17.59 -27.89
CA ALA B 56 -0.92 -17.64 -28.31
C ALA B 56 0.00 -17.77 -27.11
N ALA B 57 -0.35 -17.14 -26.00
CA ALA B 57 0.44 -17.29 -24.77
C ALA B 57 0.37 -18.71 -24.24
N MET B 58 -0.83 -19.29 -24.22
CA MET B 58 -0.98 -20.68 -23.80
C MET B 58 -0.28 -21.63 -24.76
N ALA B 59 -0.25 -21.29 -26.05
CA ALA B 59 0.44 -22.14 -27.02
C ALA B 59 1.95 -22.06 -26.85
N ALA B 60 2.47 -20.92 -26.38
CA ALA B 60 3.90 -20.81 -26.14
C ALA B 60 4.31 -21.60 -24.91
N PHE B 61 3.48 -21.60 -23.87
CA PHE B 61 3.77 -22.41 -22.68
C PHE B 61 3.60 -23.89 -22.97
N GLU B 62 2.74 -24.25 -23.93
CA GLU B 62 2.57 -25.66 -24.29
C GLU B 62 3.87 -26.24 -24.82
N LYS B 63 4.54 -25.52 -25.73
CA LYS B 63 5.76 -26.03 -26.33
C LYS B 63 6.89 -26.15 -25.31
N GLU B 64 6.94 -25.28 -24.32
CA GLU B 64 7.97 -25.33 -23.29
C GLU B 64 7.38 -26.03 -22.05
N GLY B 65 7.60 -25.55 -20.83
CA GLY B 65 6.95 -26.12 -19.66
C GLY B 65 5.95 -25.17 -19.04
N ASP B 66 6.09 -24.88 -17.74
CA ASP B 66 5.20 -23.96 -17.03
C ASP B 66 3.73 -24.35 -17.22
N VAL B 67 3.43 -25.58 -16.81
CA VAL B 67 2.04 -26.02 -16.81
C VAL B 67 1.22 -25.24 -15.78
N PHE B 68 1.88 -24.67 -14.78
CA PHE B 68 1.21 -23.78 -13.84
C PHE B 68 0.76 -22.50 -14.53
N ARG B 69 1.66 -21.88 -15.30
CA ARG B 69 1.35 -20.60 -15.92
C ARG B 69 0.36 -20.75 -17.07
N LEU B 70 0.31 -21.94 -17.69
CA LEU B 70 -0.62 -22.15 -18.80
C LEU B 70 -2.06 -22.02 -18.33
N ALA B 71 -2.42 -22.74 -17.25
CA ALA B 71 -3.78 -22.68 -16.75
C ALA B 71 -4.12 -21.31 -16.18
N SER B 72 -3.12 -20.59 -15.65
CA SER B 72 -3.38 -19.25 -15.13
C SER B 72 -3.79 -18.30 -16.24
N VAL B 73 -3.17 -18.43 -17.42
CA VAL B 73 -3.59 -17.64 -18.57
C VAL B 73 -5.00 -18.02 -18.99
N GLY B 74 -5.32 -19.32 -18.93
CA GLY B 74 -6.66 -19.75 -19.25
C GLY B 74 -7.70 -19.24 -18.27
N ALA B 75 -7.33 -19.08 -17.00
CA ALA B 75 -8.25 -18.53 -16.02
C ALA B 75 -8.43 -17.03 -16.18
N THR B 76 -7.39 -16.32 -16.62
CA THR B 76 -7.51 -14.88 -16.82
C THR B 76 -8.45 -14.56 -17.97
N ALA B 77 -8.41 -15.37 -19.03
CA ALA B 77 -9.28 -15.13 -20.18
C ALA B 77 -10.73 -15.40 -19.85
N ALA B 78 -10.99 -16.45 -19.06
CA ALA B 78 -12.37 -16.78 -18.70
C ALA B 78 -12.97 -15.75 -17.77
N LEU B 79 -12.20 -15.27 -16.79
CA LEU B 79 -12.70 -14.25 -15.87
C LEU B 79 -12.91 -12.93 -16.59
N MET B 80 -12.06 -12.62 -17.57
CA MET B 80 -12.20 -11.36 -18.32
C MET B 80 -13.53 -11.31 -19.05
N VAL B 81 -13.92 -12.40 -19.70
CA VAL B 81 -15.19 -12.43 -20.41
C VAL B 81 -16.36 -12.41 -19.44
N TRP B 82 -16.19 -13.01 -18.26
CA TRP B 82 -17.29 -13.07 -17.30
C TRP B 82 -17.58 -11.70 -16.69
N PHE B 83 -16.58 -10.82 -16.62
CA PHE B 83 -16.77 -9.48 -16.10
C PHE B 83 -16.83 -8.41 -17.19
N HIS B 84 -16.79 -8.80 -18.45
CA HIS B 84 -16.73 -7.82 -19.54
C HIS B 84 -18.00 -6.98 -19.59
N LEU B 85 -19.14 -7.64 -19.80
CA LEU B 85 -20.41 -6.94 -19.96
C LEU B 85 -21.16 -6.76 -18.65
N ARG B 86 -20.62 -7.24 -17.53
CA ARG B 86 -21.20 -6.97 -16.23
C ARG B 86 -20.91 -5.56 -15.75
N ASN B 87 -20.12 -4.78 -16.51
CA ASN B 87 -19.76 -3.40 -16.19
C ASN B 87 -18.85 -3.33 -14.96
N ILE B 88 -17.91 -4.26 -14.89
CA ILE B 88 -16.91 -4.31 -13.81
C ILE B 88 -15.56 -3.91 -14.39
N PRO B 89 -14.84 -2.97 -13.76
CA PRO B 89 -13.45 -2.71 -14.17
C PRO B 89 -12.52 -3.88 -13.92
N LEU B 90 -12.98 -4.93 -13.22
CA LEU B 90 -12.15 -6.11 -12.99
C LEU B 90 -11.74 -6.77 -14.29
N ALA B 91 -12.58 -6.67 -15.33
CA ALA B 91 -12.17 -7.11 -16.66
C ALA B 91 -10.96 -6.32 -17.15
N GLY B 92 -10.90 -5.03 -16.80
CA GLY B 92 -9.72 -4.24 -17.11
C GLY B 92 -8.48 -4.71 -16.39
N ILE B 93 -8.66 -5.35 -15.22
CA ILE B 93 -7.53 -5.94 -14.53
C ILE B 93 -7.03 -7.17 -15.28
N ALA B 94 -7.94 -7.96 -15.84
CA ALA B 94 -7.56 -9.18 -16.55
C ALA B 94 -6.94 -8.87 -17.90
N ARG B 95 -7.52 -7.94 -18.66
CA ARG B 95 -6.97 -7.64 -19.98
C ARG B 95 -5.64 -6.90 -19.87
N ALA B 96 -5.50 -6.04 -18.87
CA ALA B 96 -4.21 -5.39 -18.63
C ALA B 96 -3.15 -6.41 -18.24
N TRP B 97 -3.56 -7.49 -17.55
CA TRP B 97 -2.63 -8.57 -17.26
C TRP B 97 -2.19 -9.27 -18.54
N LEU B 98 -3.08 -9.35 -19.55
CA LEU B 98 -2.75 -10.03 -20.79
C LEU B 98 -1.91 -9.15 -21.71
N LEU B 99 -2.17 -7.84 -21.72
CA LEU B 99 -1.41 -6.94 -22.58
C LEU B 99 0.01 -6.78 -22.09
N MET B 100 0.19 -6.58 -20.78
CA MET B 100 1.53 -6.48 -20.21
C MET B 100 2.32 -7.76 -20.43
N LEU B 101 1.65 -8.91 -20.35
CA LEU B 101 2.35 -10.18 -20.57
C LEU B 101 2.92 -10.25 -21.98
N ALA B 102 2.15 -9.83 -22.98
CA ALA B 102 2.61 -9.89 -24.35
C ALA B 102 3.61 -8.79 -24.68
N GLN B 103 3.46 -7.61 -24.05
CA GLN B 103 4.44 -6.55 -24.26
C GLN B 103 5.79 -6.92 -23.67
N LEU B 104 5.78 -7.55 -22.49
CA LEU B 104 7.03 -8.02 -21.90
C LEU B 104 7.66 -9.15 -22.71
N GLU B 105 6.83 -10.02 -23.31
CA GLU B 105 7.34 -11.04 -24.19
C GLU B 105 8.01 -10.46 -25.43
N ALA B 106 7.69 -9.21 -25.77
CA ALA B 106 8.35 -8.49 -26.86
C ALA B 106 9.55 -7.69 -26.40
N GLY B 107 9.97 -7.83 -25.15
CA GLY B 107 11.12 -7.13 -24.63
C GLY B 107 10.89 -5.66 -24.40
N ALA B 108 9.82 -5.33 -23.68
CA ALA B 108 9.49 -3.95 -23.33
C ALA B 108 10.03 -3.61 -21.95
N ASP B 109 10.30 -2.32 -21.74
CA ASP B 109 10.70 -1.86 -20.42
C ASP B 109 9.49 -1.76 -19.51
N VAL B 110 9.76 -1.69 -18.21
CA VAL B 110 8.69 -1.73 -17.21
C VAL B 110 7.76 -0.52 -17.37
N ASP B 111 8.33 0.65 -17.63
CA ASP B 111 7.51 1.86 -17.72
C ASP B 111 6.61 1.83 -18.94
N THR B 112 7.08 1.25 -20.05
CA THR B 112 6.25 1.18 -21.25
C THR B 112 5.10 0.20 -21.06
N ALA B 113 5.36 -0.94 -20.42
CA ALA B 113 4.30 -1.90 -20.16
C ALA B 113 3.29 -1.36 -19.15
N LEU B 114 3.76 -0.58 -18.17
CA LEU B 114 2.85 -0.03 -17.17
C LEU B 114 1.99 1.09 -17.75
N ALA B 115 2.57 1.92 -18.62
CA ALA B 115 1.81 3.01 -19.22
C ALA B 115 0.73 2.48 -20.15
N ALA B 116 1.05 1.45 -20.95
CA ALA B 116 0.05 0.84 -21.80
C ALA B 116 -1.02 0.12 -20.98
N ALA B 117 -0.65 -0.40 -19.81
CA ALA B 117 -1.65 -0.98 -18.91
C ALA B 117 -2.54 0.08 -18.29
N ALA B 118 -2.01 1.28 -18.09
CA ALA B 118 -2.82 2.37 -17.55
C ALA B 118 -3.86 2.84 -18.56
N GLU B 119 -3.56 2.74 -19.85
CA GLU B 119 -4.55 3.06 -20.87
C GLU B 119 -5.77 2.16 -20.76
N VAL B 120 -5.54 0.85 -20.53
CA VAL B 120 -6.64 -0.10 -20.50
C VAL B 120 -7.48 0.09 -19.24
N LEU B 121 -6.84 0.43 -18.13
CA LEU B 121 -7.58 0.61 -16.88
C LEU B 121 -8.48 1.84 -16.94
N ARG B 122 -8.01 2.93 -17.55
CA ARG B 122 -8.84 4.10 -17.72
C ARG B 122 -10.07 3.80 -18.56
N GLU B 123 -9.89 3.02 -19.64
CA GLU B 123 -10.97 2.79 -20.58
C GLU B 123 -12.06 1.89 -20.00
N TYR B 124 -11.71 1.01 -19.07
CA TYR B 124 -12.68 0.14 -18.42
C TYR B 124 -13.27 0.75 -17.16
N GLY B 125 -13.13 2.05 -16.97
CA GLY B 125 -13.82 2.74 -15.89
C GLY B 125 -13.16 2.66 -14.53
N VAL B 126 -11.87 2.93 -14.47
CA VAL B 126 -11.13 3.03 -13.21
C VAL B 126 -10.75 4.48 -13.01
N SER B 127 -10.98 5.01 -11.81
CA SER B 127 -10.70 6.40 -11.52
C SER B 127 -9.22 6.72 -11.77
N GLU B 128 -8.96 7.94 -12.25
CA GLU B 128 -7.59 8.33 -12.55
C GLU B 128 -6.71 8.34 -11.30
N GLU B 129 -7.31 8.54 -10.13
CA GLU B 129 -6.53 8.53 -8.90
C GLU B 129 -6.05 7.11 -8.57
N LEU B 130 -6.91 6.11 -8.74
CA LEU B 130 -6.50 4.73 -8.49
C LEU B 130 -5.53 4.23 -9.54
N VAL B 131 -5.63 4.75 -10.77
CA VAL B 131 -4.72 4.32 -11.83
C VAL B 131 -3.29 4.77 -11.53
N ALA B 132 -3.11 6.07 -11.29
CA ALA B 132 -1.79 6.58 -10.92
C ALA B 132 -1.30 5.95 -9.63
N ALA B 133 -2.21 5.60 -8.72
CA ALA B 133 -1.82 4.90 -7.51
C ALA B 133 -1.47 3.45 -7.80
N ALA B 134 -2.22 2.80 -8.71
CA ALA B 134 -1.87 1.44 -9.11
C ALA B 134 -0.51 1.41 -9.81
N ALA B 135 -0.25 2.40 -10.67
CA ALA B 135 1.03 2.48 -11.35
C ALA B 135 2.16 2.84 -10.40
N ALA B 136 1.85 3.40 -9.23
CA ALA B 136 2.90 3.81 -8.30
C ALA B 136 3.35 2.66 -7.42
N GLU B 137 2.40 1.91 -6.87
CA GLU B 137 2.79 0.75 -6.06
C GLU B 137 3.30 -0.40 -6.93
N ALA B 138 2.88 -0.44 -8.19
CA ALA B 138 3.41 -1.46 -9.11
C ALA B 138 4.88 -1.21 -9.39
N ARG B 139 5.25 0.04 -9.67
CA ARG B 139 6.64 0.37 -9.96
C ARG B 139 7.55 0.07 -8.77
N ALA B 140 7.01 0.17 -7.55
CA ALA B 140 7.82 -0.12 -6.36
C ALA B 140 8.02 -1.61 -6.16
N LEU B 141 6.94 -2.40 -6.33
CA LEU B 141 7.06 -3.85 -6.14
C LEU B 141 7.96 -4.49 -7.19
N VAL B 142 8.06 -3.89 -8.38
CA VAL B 142 8.81 -4.50 -9.47
C VAL B 142 10.30 -4.51 -9.14
N GLU B 143 10.82 -3.43 -8.56
CA GLU B 143 12.24 -3.30 -8.26
C GLU B 143 12.72 -4.42 -7.34
N SER B 144 13.34 -5.44 -7.92
CA SER B 144 13.82 -6.58 -7.14
C SER B 144 14.98 -7.27 -7.86
N ARG B 148 17.86 -9.45 -8.28
CA ARG B 148 17.37 -10.81 -8.39
C ARG B 148 17.06 -11.19 -9.84
N GLY B 149 16.15 -10.44 -10.47
CA GLY B 149 15.67 -10.79 -11.79
C GLY B 149 14.39 -11.58 -11.72
N LEU B 150 13.44 -11.30 -12.61
CA LEU B 150 12.12 -11.90 -12.49
C LEU B 150 11.53 -12.15 -13.86
N THR B 151 10.67 -13.17 -13.94
CA THR B 151 10.01 -13.62 -15.16
C THR B 151 8.88 -12.66 -15.54
N PRO B 152 8.69 -12.38 -16.84
CA PRO B 152 7.55 -11.54 -17.25
C PRO B 152 6.20 -12.02 -16.73
N PHE B 153 5.99 -13.33 -16.59
CA PHE B 153 4.78 -13.82 -15.94
C PHE B 153 4.59 -13.21 -14.56
N GLU B 154 5.67 -13.11 -13.79
CA GLU B 154 5.59 -12.67 -12.41
C GLU B 154 5.59 -11.15 -12.28
N LEU B 155 5.93 -10.42 -13.34
CA LEU B 155 5.80 -8.96 -13.30
C LEU B 155 4.36 -8.54 -13.57
N ALA B 156 3.74 -9.09 -14.62
CA ALA B 156 2.37 -8.73 -14.95
C ALA B 156 1.40 -9.17 -13.86
N SER B 157 1.66 -10.33 -13.25
CA SER B 157 0.77 -10.81 -12.19
C SER B 157 0.97 -10.00 -10.90
N LEU B 158 2.22 -9.69 -10.56
CA LEU B 158 2.48 -8.90 -9.35
C LEU B 158 1.96 -7.48 -9.48
N ALA B 159 2.00 -6.91 -10.69
CA ALA B 159 1.48 -5.57 -10.90
C ALA B 159 -0.04 -5.57 -10.94
N ALA B 160 -0.64 -6.59 -11.57
CA ALA B 160 -2.10 -6.67 -11.62
C ALA B 160 -2.69 -7.01 -10.26
N LEU B 161 -1.95 -7.72 -9.41
CA LEU B 161 -2.41 -7.98 -8.06
C LEU B 161 -2.51 -6.69 -7.25
N ALA B 162 -1.50 -5.82 -7.37
CA ALA B 162 -1.52 -4.55 -6.66
C ALA B 162 -2.73 -3.72 -7.07
N ALA B 163 -2.98 -3.61 -8.38
CA ALA B 163 -4.08 -2.80 -8.86
C ALA B 163 -5.43 -3.30 -8.35
N ALA B 164 -5.61 -4.62 -8.32
CA ALA B 164 -6.83 -5.19 -7.77
C ALA B 164 -6.99 -4.92 -6.28
N ARG B 165 -5.89 -4.67 -5.57
CA ARG B 165 -5.97 -4.38 -4.15
C ARG B 165 -6.53 -2.98 -3.90
N LEU B 166 -6.16 -2.01 -4.74
CA LEU B 166 -6.70 -0.66 -4.56
C LEU B 166 -8.17 -0.59 -4.93
N LEU B 167 -8.59 -1.34 -5.95
CA LEU B 167 -10.00 -1.33 -6.35
C LEU B 167 -10.87 -1.98 -5.28
N PHE B 168 -10.36 -3.00 -4.60
CA PHE B 168 -11.15 -3.68 -3.58
C PHE B 168 -11.09 -2.98 -2.24
N THR B 169 -10.02 -2.25 -1.95
CA THR B 169 -10.00 -1.39 -0.75
C THR B 169 -10.91 -0.19 -0.93
N ALA B 170 -11.05 0.32 -2.15
CA ALA B 170 -12.00 1.40 -2.41
C ALA B 170 -13.42 0.93 -2.19
N ARG B 171 -13.77 -0.23 -2.76
CA ARG B 171 -15.06 -0.85 -2.47
C ARG B 171 -15.05 -1.46 -1.07
N ASN B 172 -16.18 -2.04 -0.69
CA ASN B 172 -16.30 -2.74 0.59
C ASN B 172 -15.98 -4.23 0.47
N ASN B 173 -15.16 -4.61 -0.49
CA ASN B 173 -14.84 -6.02 -0.73
C ASN B 173 -13.66 -6.43 0.14
N PRO B 174 -13.80 -7.42 1.02
CA PRO B 174 -12.68 -7.84 1.85
C PRO B 174 -11.64 -8.69 1.13
N LEU B 175 -11.85 -8.99 -0.16
CA LEU B 175 -10.83 -9.68 -0.94
C LEU B 175 -9.51 -8.93 -0.96
N ALA B 176 -9.54 -7.62 -0.66
CA ALA B 176 -8.31 -6.85 -0.57
C ALA B 176 -7.41 -7.36 0.56
N LYS B 177 -8.01 -7.94 1.62
CA LYS B 177 -7.20 -8.53 2.68
C LYS B 177 -6.40 -9.72 2.15
N ILE B 178 -7.02 -10.52 1.27
CA ILE B 178 -6.34 -11.68 0.72
C ILE B 178 -5.22 -11.25 -0.23
N ILE B 179 -5.45 -10.18 -0.99
CA ILE B 179 -4.43 -9.70 -1.92
C ILE B 179 -3.29 -9.02 -1.17
N GLN B 180 -3.61 -8.27 -0.11
CA GLN B 180 -2.57 -7.59 0.65
C GLN B 180 -1.61 -8.59 1.29
N ALA B 181 -2.13 -9.70 1.83
CA ALA B 181 -1.27 -10.68 2.47
C ALA B 181 -0.38 -11.39 1.46
N ALA B 182 -0.91 -11.66 0.26
CA ALA B 182 -0.12 -12.32 -0.77
C ALA B 182 1.04 -11.45 -1.22
N LEU B 183 0.80 -10.15 -1.38
CA LEU B 183 1.89 -9.23 -1.71
C LEU B 183 2.94 -9.21 -0.61
N ASP B 184 2.50 -9.13 0.65
CA ASP B 184 3.43 -9.19 1.76
C ASP B 184 4.11 -10.55 1.84
N LEU B 185 3.38 -11.62 1.51
CA LEU B 185 3.99 -12.95 1.50
C LEU B 185 5.05 -13.06 0.41
N TYR B 186 4.80 -12.45 -0.75
CA TYR B 186 5.79 -12.47 -1.82
C TYR B 186 7.09 -11.82 -1.37
N ASN B 187 7.01 -10.59 -0.85
CA ASN B 187 8.21 -9.87 -0.43
C ASN B 187 8.96 -10.63 0.66
N ARG B 188 8.24 -11.37 1.51
CA ARG B 188 8.89 -12.16 2.55
C ARG B 188 9.51 -13.43 1.99
N THR B 189 8.92 -14.00 0.95
CA THR B 189 9.39 -15.26 0.37
C THR B 189 10.27 -15.06 -0.86
N VAL B 190 10.71 -13.82 -1.13
CA VAL B 190 11.59 -13.57 -2.27
C VAL B 190 12.85 -14.40 -2.16
N ASP B 191 13.40 -14.52 -0.95
CA ASP B 191 14.65 -15.21 -0.73
C ASP B 191 14.49 -16.65 -0.28
N MET B 192 13.33 -17.02 0.24
CA MET B 192 13.10 -18.36 0.76
C MET B 192 13.18 -19.39 -0.36
N SER B 193 13.44 -20.64 0.03
CA SER B 193 13.51 -21.75 -0.91
C SER B 193 12.09 -22.30 -1.14
N THR B 194 12.00 -23.51 -1.68
CA THR B 194 10.68 -24.10 -1.97
C THR B 194 9.94 -24.44 -0.67
N GLU B 195 10.48 -25.39 0.10
CA GLU B 195 9.80 -25.81 1.33
C GLU B 195 9.78 -24.70 2.36
N GLU B 196 10.80 -23.84 2.38
CA GLU B 196 10.80 -22.71 3.31
C GLU B 196 9.64 -21.76 3.01
N ALA B 197 9.33 -21.57 1.72
CA ALA B 197 8.16 -20.78 1.36
C ALA B 197 6.86 -21.52 1.67
N VAL B 198 6.85 -22.85 1.52
CA VAL B 198 5.68 -23.64 1.89
C VAL B 198 5.38 -23.47 3.37
N GLU B 199 6.42 -23.40 4.20
CA GLU B 199 6.21 -23.14 5.62
C GLU B 199 5.66 -21.73 5.85
N ALA B 200 6.14 -20.76 5.07
CA ALA B 200 5.62 -19.40 5.18
C ALA B 200 4.17 -19.34 4.73
N ALA B 201 3.85 -19.99 3.60
CA ALA B 201 2.48 -19.99 3.12
C ALA B 201 1.54 -20.61 4.13
N LEU B 202 1.99 -21.64 4.84
CA LEU B 202 1.21 -22.18 5.94
C LEU B 202 1.08 -21.18 7.08
N GLU B 203 2.11 -20.37 7.32
CA GLU B 203 2.06 -19.41 8.43
C GLU B 203 1.07 -18.30 8.14
N ALA B 204 1.13 -17.72 6.94
CA ALA B 204 0.15 -16.70 6.57
C ALA B 204 -1.26 -17.25 6.54
N MET B 205 -1.42 -18.52 6.14
CA MET B 205 -2.75 -19.12 6.12
C MET B 205 -3.27 -19.39 7.53
N LYS B 206 -2.39 -19.74 8.48
CA LYS B 206 -2.84 -19.85 9.86
C LYS B 206 -3.21 -18.48 10.43
N GLU B 207 -2.51 -17.43 10.01
CA GLU B 207 -2.88 -16.08 10.44
C GLU B 207 -4.28 -15.73 9.94
N LEU B 208 -4.53 -15.95 8.65
CA LEU B 208 -5.84 -15.61 8.09
C LEU B 208 -6.94 -16.49 8.65
N GLY B 209 -6.64 -17.75 8.98
CA GLY B 209 -7.62 -18.65 9.53
C GLY B 209 -8.72 -18.99 8.54
N ALA B 210 -9.96 -18.64 8.88
CA ALA B 210 -11.12 -18.89 8.02
C ALA B 210 -11.25 -20.38 7.70
N SER B 211 -11.23 -21.21 8.75
CA SER B 211 -11.49 -22.64 8.72
C SER B 211 -10.32 -23.44 8.17
N GLU B 212 -10.31 -24.75 8.45
CA GLU B 212 -9.24 -25.65 8.04
C GLU B 212 -9.63 -26.26 6.69
N GLU B 213 -8.95 -27.35 6.32
CA GLU B 213 -9.03 -28.02 5.02
C GLU B 213 -8.37 -27.17 3.94
N SER B 214 -8.22 -25.87 4.20
CA SER B 214 -7.47 -25.02 3.29
C SER B 214 -5.98 -25.34 3.36
N LEU B 215 -5.47 -25.60 4.57
CA LEU B 215 -4.05 -25.91 4.73
C LEU B 215 -3.68 -27.20 4.02
N GLU B 216 -4.59 -28.19 4.04
CA GLU B 216 -4.31 -29.46 3.37
C GLU B 216 -4.50 -29.35 1.86
N ARG B 217 -5.45 -28.52 1.41
CA ARG B 217 -5.60 -28.25 -0.02
C ARG B 217 -4.32 -27.69 -0.61
N LEU B 218 -3.59 -26.88 0.18
CA LEU B 218 -2.27 -26.41 -0.27
C LEU B 218 -1.28 -27.57 -0.37
N LYS B 219 -1.23 -28.42 0.67
CA LYS B 219 -0.34 -29.57 0.63
C LYS B 219 -0.73 -30.54 -0.48
N GLU B 220 -2.01 -30.58 -0.85
CA GLU B 220 -2.44 -31.45 -1.94
C GLU B 220 -1.89 -30.96 -3.28
N LEU B 221 -2.00 -29.65 -3.54
CA LEU B 221 -1.56 -29.11 -4.82
C LEU B 221 -0.04 -29.01 -4.91
N VAL B 222 0.64 -28.73 -3.80
CA VAL B 222 2.09 -28.68 -3.81
C VAL B 222 2.69 -30.05 -4.08
N GLU B 223 2.24 -31.06 -3.32
CA GLU B 223 2.77 -32.41 -3.49
C GLU B 223 2.33 -33.04 -4.80
N SER B 224 1.25 -32.56 -5.40
CA SER B 224 0.90 -33.02 -6.74
C SER B 224 1.76 -32.37 -7.81
N ALA B 225 2.24 -31.15 -7.56
CA ALA B 225 3.18 -30.49 -8.45
C ALA B 225 4.59 -31.01 -8.31
N ARG B 226 4.89 -31.77 -7.25
CA ARG B 226 6.20 -32.38 -7.04
C ARG B 226 6.33 -33.72 -7.76
N LYS B 227 5.25 -34.50 -7.81
CA LYS B 227 5.32 -35.83 -8.41
C LYS B 227 5.43 -35.73 -9.93
N ARG B 228 4.59 -34.92 -10.56
CA ARG B 228 4.64 -34.76 -12.02
C ARG B 228 5.64 -33.70 -12.43
N GLY B 229 5.64 -32.55 -11.77
CA GLY B 229 6.55 -31.47 -12.11
C GLY B 229 7.86 -31.55 -11.35
N ILE B 230 8.89 -30.95 -11.94
CA ILE B 230 10.20 -30.96 -11.31
C ILE B 230 10.42 -29.74 -10.40
N GLU B 231 9.86 -28.58 -10.76
CA GLU B 231 10.12 -27.34 -10.05
C GLU B 231 8.80 -26.64 -9.72
N LEU B 232 8.82 -25.91 -8.60
CA LEU B 232 7.70 -25.07 -8.22
C LEU B 232 8.26 -23.83 -7.53
N THR B 233 8.21 -22.69 -8.23
CA THR B 233 8.80 -21.46 -7.75
C THR B 233 8.15 -21.03 -6.43
N PRO B 234 8.92 -20.42 -5.52
CA PRO B 234 8.30 -19.84 -4.32
C PRO B 234 7.23 -18.81 -4.62
N PHE B 235 7.37 -18.09 -5.74
CA PHE B 235 6.28 -17.21 -6.17
C PHE B 235 5.03 -18.01 -6.53
N GLU B 236 5.21 -19.21 -7.09
CA GLU B 236 4.09 -20.04 -7.50
C GLU B 236 3.45 -20.78 -6.33
N VAL B 237 4.14 -20.87 -5.19
CA VAL B 237 3.53 -21.45 -4.00
C VAL B 237 2.56 -20.46 -3.37
N ALA B 238 2.96 -19.19 -3.26
CA ALA B 238 2.05 -18.17 -2.77
C ALA B 238 0.86 -17.99 -3.70
N LEU B 239 1.08 -18.15 -5.01
CA LEU B 239 -0.04 -18.10 -5.95
C LEU B 239 -0.99 -19.27 -5.74
N LEU B 240 -0.47 -20.41 -5.30
CA LEU B 240 -1.34 -21.56 -5.01
C LEU B 240 -2.23 -21.28 -3.80
N ALA B 241 -1.64 -20.80 -2.70
CA ALA B 241 -2.41 -20.54 -1.50
C ALA B 241 -3.45 -19.43 -1.72
N TYR B 242 -3.16 -18.50 -2.63
CA TYR B 242 -4.12 -17.44 -2.95
C TYR B 242 -5.43 -18.04 -3.48
N TYR B 243 -5.34 -18.89 -4.50
CA TYR B 243 -6.53 -19.50 -5.07
C TYR B 243 -7.25 -20.39 -4.06
N VAL B 244 -6.50 -20.96 -3.11
CA VAL B 244 -7.13 -21.75 -2.04
C VAL B 244 -7.92 -20.84 -1.11
N LEU B 245 -7.31 -19.73 -0.69
CA LEU B 245 -7.96 -18.85 0.28
C LEU B 245 -9.15 -18.13 -0.34
N VAL B 246 -9.05 -17.71 -1.59
CA VAL B 246 -10.15 -17.01 -2.25
C VAL B 246 -11.32 -17.97 -2.47
N LEU B 247 -11.03 -19.18 -2.97
CA LEU B 247 -12.08 -20.18 -3.11
C LEU B 247 -12.72 -20.51 -1.77
N ASP B 248 -11.93 -20.48 -0.70
CA ASP B 248 -12.47 -20.67 0.64
C ASP B 248 -13.44 -19.54 0.99
N TYR B 249 -13.03 -18.29 0.77
CA TYR B 249 -13.88 -17.16 1.11
C TYR B 249 -15.15 -17.15 0.26
N LEU B 250 -15.03 -17.49 -1.03
CA LEU B 250 -16.20 -17.49 -1.90
C LEU B 250 -17.23 -18.50 -1.44
N LYS B 251 -16.79 -19.70 -1.05
CA LYS B 251 -17.71 -20.71 -0.54
C LYS B 251 -18.27 -20.33 0.82
N LYS B 252 -17.58 -19.48 1.57
CA LYS B 252 -18.07 -19.02 2.87
C LYS B 252 -19.21 -18.03 2.70
C1 CHD C . 2.93 12.52 10.66
C2 CHD C . 3.39 12.63 12.11
C3 CHD C . 2.84 13.92 12.70
O3 CHD C . 3.23 14.01 14.08
C4 CHD C . 3.41 15.09 11.93
C5 CHD C . 3.00 15.01 10.45
C6 CHD C . 3.56 16.19 9.65
C7 CHD C . 5.11 16.14 9.49
O7 CHD C . 5.80 16.35 10.73
C8 CHD C . 5.50 14.79 8.89
C9 CHD C . 4.98 13.64 9.76
C10 CHD C . 3.46 13.68 9.83
C11 CHD C . 5.43 12.32 9.13
C12 CHD C . 6.95 12.26 9.03
O12 CHD C . 7.52 12.40 10.34
C13 CHD C . 7.43 13.41 8.15
C14 CHD C . 7.02 14.71 8.80
C15 CHD C . 7.63 15.72 7.85
C16 CHD C . 8.98 15.07 7.47
C17 CHD C . 8.94 13.67 8.12
C18 CHD C . 6.86 13.31 6.72
C19 CHD C . 2.90 13.56 8.41
C20 CHD C . 9.80 12.71 7.25
C21 CHD C . 9.89 11.28 7.79
C22 CHD C . 11.23 13.27 7.19
C23 CHD C . 11.93 13.01 8.53
O25 CHD C . 14.28 13.07 8.15
C24 CHD C . 13.30 13.71 8.56
O26 CHD C . 13.31 14.87 9.03
C1 CHD D . -3.10 -12.94 -9.96
C2 CHD D . -3.29 -14.45 -9.95
C3 CHD D . -2.87 -15.00 -11.30
O3 CHD D . -3.00 -16.44 -11.29
C4 CHD D . -3.78 -14.42 -12.37
C5 CHD D . -3.64 -12.90 -12.41
C6 CHD D . -4.54 -12.28 -13.49
C7 CHD D . -6.05 -12.37 -13.15
O7 CHD D . -6.53 -13.73 -13.18
C8 CHD D . -6.29 -11.76 -11.78
C9 CHD D . -5.44 -12.46 -10.71
C10 CHD D . -3.96 -12.28 -11.03
C11 CHD D . -5.76 -11.83 -9.34
C12 CHD D . -7.24 -11.98 -9.02
O12 CHD D . -7.58 -13.37 -8.99
C13 CHD D . -8.06 -11.29 -10.10
C14 CHD D . -7.76 -11.93 -11.42
C15 CHD D . -8.69 -11.16 -12.35
C16 CHD D . -9.94 -10.94 -11.47
C17 CHD D . -9.56 -11.57 -10.12
C18 CHD D . -7.77 -9.78 -10.12
C19 CHD D . -3.65 -10.78 -11.05
C20 CHD D . -10.41 -10.93 -8.98
C21 CHD D . -10.35 -11.77 -7.70
C22 CHD D . -11.86 -10.82 -9.47
C23 CHD D . -12.86 -10.94 -8.31
O25 CHD D . -14.64 -12.40 -7.72
C24 CHD D . -13.62 -12.27 -8.42
O26 CHD D . -13.16 -13.12 -9.22
#